data_5TEY
#
_entry.id   5TEY
#
_cell.length_a   63.883
_cell.length_b   63.883
_cell.length_c   225.709
_cell.angle_alpha   90.000
_cell.angle_beta   90.000
_cell.angle_gamma   120.000
#
_symmetry.space_group_name_H-M   'P 32 2 1'
#
loop_
_entity.id
_entity.type
_entity.pdbx_description
1 polymer 'N6-adenosine-methyltransferase 70 kDa subunit'
2 polymer 'N6-adenosine-methyltransferase subunit METTL14'
3 non-polymer S-ADENOSYL-L-HOMOCYSTEINE
4 non-polymer 'MAGNESIUM ION'
5 non-polymer 1,2-ETHANEDIOL
6 non-polymer 'UNKNOWN ATOM OR ION'
7 non-polymer BETA-MERCAPTOETHANOL
8 water water
#
loop_
_entity_poly.entity_id
_entity_poly.type
_entity_poly.pdbx_seq_one_letter_code
_entity_poly.pdbx_strand_id
1 'polypeptide(L)'
;MHHHHHHSSGRENLYFQGMSDTWSSIQAHKKQLDSLRERLQRRRKQDSGHLDLRNPEAALSPTFRSDSPVPTAPTSGGPK
PSTASAVPELATDPELEKKLLHHLSDLALTLPTDAVSICLAISTPDAPATQDGVESLLQKFAAQELIEVKRGLLQDDAHP
TLVTYADHSKLSAMMGAVAEKKGPGEVAGTVTGQKRRAEQDSTTVAAFASSLVSGLNSSASEPAKEPAKKSRKHAASDVD
LEIESLLNQQSTKEQQSKKVSQEILELLNTTTAKEQSIVEKFRSRGRAQVQEFCDYGTKEECMKASDADRPCRKLHFRRI
INKHTDESLGDCSFLNTCFHMDTCKYVHYEIDACMDSEAPGSKDHTPSQELALTQSVGGDSSADRLFPPQWICCDIRYLD
VSILGKFAVVMADPPWDIHMELPYGTLTDDEMRRLNIPVLQDDGFLFLWVTGRAMELGRECLNLWGYERVDEIIWVKTNQ
LQRIIRTGRTGHWLNHGKEHCLVGVKGNPQGFNQGLDCDVIVAEVRSTSHKPDEIYGMIERLSPGTRKIELFGRPHNVQP
NWITLGNQLDGIHLLDPDVVARFKQKYPDGIISKPKNL
;
A
2 'polypeptide(L)'
;MDSRLQEIRERQKLRRQLLAQQLGAESADSIGAVLNSKDEQREIAETRETCRASYDTSAPNAKRKYLDEGETDEDKMEEY
KDELEMQQDEENLPYEEEIYKDSSTFLKGTQSLNPHNDYCQHFVDTGHRPQNFIRDVGLADRFEEYPKLRELIRLKDELI
AKSNTPPMYLQADIEAFDIRELTPKFDVILLEPPLEEYYRETGITANEKCWTWDDIMKLEIDEIAAPRSFIFLWCGSGEG
LDLGRVCLRKWGYRRCEDICWIKTNKNNPGKTKTLDPKAVFQRTKEHCLMGIKGTVKRSTDGDFIHANVDIDLIITEEPE
IGNIEKPVEIFHIIEHFCLGRRRLHLFGRDSTIRPGWLTVGPTLTNSNYNAETYASYFSAPNSYLTGCTEEIERLRPKS
;
B
#
loop_
_chem_comp.id
_chem_comp.type
_chem_comp.name
_chem_comp.formula
BME non-polymer BETA-MERCAPTOETHANOL 'C2 H6 O S'
EDO non-polymer 1,2-ETHANEDIOL 'C2 H6 O2'
MG non-polymer 'MAGNESIUM ION' 'Mg 2'
UNX non-polymer 'UNKNOWN ATOM OR ION' ?
#
# COMPACT_ATOMS: atom_id res chain seq x y z
CA ARG A 385 24.53 -1.17 -23.43
C ARG A 385 24.45 -2.05 -22.18
N LEU A 386 25.59 -2.62 -21.79
CA LEU A 386 25.66 -3.55 -20.65
C LEU A 386 27.03 -3.48 -19.94
N PHE A 387 27.04 -3.02 -18.70
CA PHE A 387 28.26 -2.96 -17.87
C PHE A 387 28.22 -4.05 -16.81
N PRO A 388 29.32 -4.79 -16.56
CA PRO A 388 29.17 -5.92 -15.61
C PRO A 388 28.85 -5.48 -14.17
N PRO A 389 28.41 -6.43 -13.31
CA PRO A 389 28.07 -6.06 -11.94
C PRO A 389 29.27 -5.42 -11.21
N GLN A 390 28.97 -4.41 -10.40
CA GLN A 390 29.96 -3.73 -9.56
C GLN A 390 29.39 -3.59 -8.17
N TRP A 391 30.27 -3.58 -7.16
CA TRP A 391 29.83 -3.49 -5.80
C TRP A 391 30.88 -2.89 -4.87
N ILE A 392 30.41 -2.39 -3.73
CA ILE A 392 31.26 -1.88 -2.66
C ILE A 392 30.72 -2.41 -1.34
N CYS A 393 31.49 -3.27 -0.67
CA CYS A 393 31.22 -3.57 0.73
C CYS A 393 31.52 -2.31 1.56
N CYS A 394 30.50 -1.78 2.23
CA CYS A 394 30.66 -0.62 3.10
C CYS A 394 29.57 -0.48 4.14
N ASP A 395 29.84 0.36 5.13
CA ASP A 395 28.80 0.87 6.01
C ASP A 395 28.24 2.05 5.24
N ILE A 396 26.97 1.96 4.86
CA ILE A 396 26.35 2.95 3.98
C ILE A 396 26.17 4.32 4.70
N ARG A 397 26.20 4.33 6.03
CA ARG A 397 26.20 5.58 6.78
C ARG A 397 27.47 6.41 6.49
N TYR A 398 28.61 5.73 6.26
CA TYR A 398 29.92 6.39 6.17
C TYR A 398 30.45 6.64 4.76
N LEU A 399 29.94 5.93 3.76
CA LEU A 399 30.47 6.07 2.41
C LEU A 399 30.08 7.43 1.83
N ASP A 400 31.04 8.11 1.20
CA ASP A 400 30.78 9.33 0.47
C ASP A 400 30.27 8.93 -0.91
N VAL A 401 28.95 8.85 -1.04
CA VAL A 401 28.34 8.41 -2.28
C VAL A 401 28.47 9.38 -3.45
N SER A 402 28.89 10.63 -3.19
CA SER A 402 29.11 11.59 -4.26
C SER A 402 30.15 11.12 -5.28
N ILE A 403 31.07 10.22 -4.89
CA ILE A 403 32.06 9.64 -5.83
C ILE A 403 31.50 8.71 -6.92
N LEU A 404 30.26 8.24 -6.74
CA LEU A 404 29.64 7.28 -7.62
C LEU A 404 28.94 7.89 -8.83
N GLY A 405 28.83 9.22 -8.88
CA GLY A 405 28.13 9.90 -9.95
C GLY A 405 26.61 9.78 -9.83
N LYS A 406 25.94 9.94 -10.97
CA LYS A 406 24.49 10.13 -11.04
C LYS A 406 23.85 8.90 -11.68
N PHE A 407 22.66 8.55 -11.18
CA PHE A 407 21.98 7.31 -11.58
C PHE A 407 20.55 7.56 -12.05
N ALA A 408 20.11 6.77 -13.02
CA ALA A 408 18.76 6.86 -13.57
C ALA A 408 17.76 6.26 -12.57
N VAL A 409 18.21 5.23 -11.84
CA VAL A 409 17.36 4.54 -10.87
C VAL A 409 18.15 4.24 -9.61
N VAL A 410 17.52 4.45 -8.46
CA VAL A 410 18.04 4.05 -7.17
C VAL A 410 17.04 3.06 -6.60
N MET A 411 17.52 1.93 -6.07
CA MET A 411 16.67 1.02 -5.33
C MET A 411 17.27 0.78 -3.97
N ALA A 412 16.44 0.76 -2.92
CA ALA A 412 16.89 0.49 -1.54
C ALA A 412 15.92 -0.42 -0.80
N ASP A 413 16.47 -1.34 0.00
CA ASP A 413 15.69 -2.21 0.85
C ASP A 413 16.30 -2.05 2.24
N PRO A 414 15.96 -0.93 2.91
CA PRO A 414 16.69 -0.62 4.14
C PRO A 414 16.37 -1.51 5.30
N PRO A 415 17.33 -1.65 6.22
CA PRO A 415 17.11 -2.39 7.44
C PRO A 415 16.42 -1.48 8.46
N TRP A 416 15.12 -1.26 8.23
CA TRP A 416 14.33 -0.36 9.06
C TRP A 416 14.32 -0.85 10.52
N ASP A 417 14.34 0.11 11.44
CA ASP A 417 14.28 -0.18 12.86
C ASP A 417 12.84 -0.49 13.25
N ILE A 418 12.44 -1.76 13.10
CA ILE A 418 11.07 -2.19 13.40
C ILE A 418 11.07 -3.54 14.10
N TYR A 424 24.46 -7.65 8.91
CA TYR A 424 23.55 -7.55 10.07
C TYR A 424 23.34 -6.09 10.50
N GLY A 425 22.38 -5.90 11.39
CA GLY A 425 22.10 -4.61 12.04
C GLY A 425 21.00 -3.80 11.38
N THR A 426 20.53 -2.78 12.10
CA THR A 426 19.52 -1.85 11.56
C THR A 426 20.06 -0.44 11.56
N LEU A 427 19.31 0.45 10.93
CA LEU A 427 19.57 1.88 10.94
C LEU A 427 18.41 2.54 11.68
N THR A 428 18.75 3.52 12.51
CA THR A 428 17.75 4.26 13.23
C THR A 428 17.03 5.16 12.25
N ASP A 429 15.89 5.67 12.69
CA ASP A 429 15.07 6.54 11.85
C ASP A 429 15.88 7.76 11.43
N ASP A 430 16.67 8.34 12.35
CA ASP A 430 17.50 9.49 12.00
C ASP A 430 18.63 9.14 11.03
N GLU A 431 19.22 7.96 11.16
CA GLU A 431 20.26 7.55 10.24
C GLU A 431 19.72 7.40 8.82
N MET A 432 18.53 6.83 8.71
CA MET A 432 17.84 6.75 7.43
C MET A 432 17.57 8.13 6.84
N ARG A 433 17.05 9.06 7.64
CA ARG A 433 16.77 10.41 7.16
CA ARG A 433 16.76 10.40 7.14
C ARG A 433 18.01 11.10 6.61
N ARG A 434 19.12 10.92 7.30
CA ARG A 434 20.40 11.57 6.97
C ARG A 434 21.18 10.97 5.79
N LEU A 435 20.75 9.82 5.26
CA LEU A 435 21.43 9.23 4.11
C LEU A 435 21.47 10.20 2.95
N ASN A 436 22.62 10.29 2.29
CA ASN A 436 22.81 11.29 1.24
C ASN A 436 22.26 10.83 -0.12
N ILE A 437 21.00 10.39 -0.11
CA ILE A 437 20.31 10.00 -1.33
C ILE A 437 20.22 11.16 -2.32
N PRO A 438 20.01 12.41 -1.84
CA PRO A 438 19.89 13.53 -2.78
C PRO A 438 21.01 13.68 -3.81
N VAL A 439 22.24 13.29 -3.48
CA VAL A 439 23.36 13.44 -4.42
C VAL A 439 23.38 12.41 -5.56
N LEU A 440 22.61 11.30 -5.40
CA LEU A 440 22.66 10.19 -6.36
C LEU A 440 21.97 10.40 -7.69
N GLN A 441 21.02 11.33 -7.78
CA GLN A 441 20.27 11.57 -9.01
C GLN A 441 19.94 13.05 -9.23
N ASP A 442 19.83 13.42 -10.50
CA ASP A 442 19.25 14.70 -10.93
C ASP A 442 17.82 14.51 -11.37
N ASP A 443 17.60 13.56 -12.29
CA ASP A 443 16.26 13.21 -12.75
C ASP A 443 16.17 11.70 -12.81
N GLY A 444 15.20 11.13 -12.11
CA GLY A 444 14.94 9.72 -12.23
C GLY A 444 14.09 9.16 -11.13
N PHE A 445 14.19 7.84 -10.91
CA PHE A 445 13.27 7.14 -10.03
C PHE A 445 13.97 6.45 -8.86
N LEU A 446 13.27 6.41 -7.74
CA LEU A 446 13.67 5.70 -6.53
C LEU A 446 12.67 4.57 -6.22
N PHE A 447 13.17 3.35 -5.98
CA PHE A 447 12.36 2.20 -5.56
C PHE A 447 12.72 1.90 -4.13
N LEU A 448 11.76 2.07 -3.21
CA LEU A 448 12.04 1.91 -1.78
C LEU A 448 11.13 0.86 -1.13
N TRP A 449 11.71 -0.27 -0.75
CA TRP A 449 10.95 -1.33 -0.09
C TRP A 449 10.58 -0.88 1.33
N VAL A 450 9.33 -1.14 1.73
CA VAL A 450 8.81 -0.79 3.07
C VAL A 450 7.93 -1.92 3.62
N THR A 451 7.91 -2.06 4.94
N THR A 451 7.86 -2.03 4.94
CA THR A 451 6.97 -2.92 5.66
CA THR A 451 6.88 -2.88 5.61
C THR A 451 6.54 -2.20 6.93
C THR A 451 6.55 -2.24 6.94
N GLY A 452 5.37 -2.55 7.44
CA GLY A 452 4.93 -2.09 8.77
C GLY A 452 4.97 -0.58 8.88
N ARG A 453 5.58 -0.08 9.96
CA ARG A 453 5.65 1.37 10.16
C ARG A 453 6.52 2.10 9.16
N ALA A 454 7.41 1.37 8.45
CA ALA A 454 8.15 1.98 7.37
C ALA A 454 7.30 2.33 6.15
N MET A 455 6.04 1.86 6.07
CA MET A 455 5.15 2.44 5.07
C MET A 455 5.03 3.95 5.22
N GLU A 456 5.04 4.41 6.48
CA GLU A 456 4.99 5.84 6.80
C GLU A 456 6.38 6.46 6.90
N LEU A 457 7.30 5.80 7.61
CA LEU A 457 8.68 6.33 7.69
C LEU A 457 9.34 6.42 6.31
N GLY A 458 9.08 5.43 5.45
CA GLY A 458 9.62 5.43 4.08
C GLY A 458 9.07 6.56 3.23
N ARG A 459 7.77 6.86 3.36
CA ARG A 459 7.19 8.03 2.74
C ARG A 459 7.87 9.32 3.20
N GLU A 460 8.10 9.42 4.50
CA GLU A 460 8.82 10.58 5.05
C GLU A 460 10.23 10.68 4.44
N CYS A 461 10.96 9.59 4.43
CA CYS A 461 12.31 9.57 3.83
C CYS A 461 12.32 9.96 2.36
N LEU A 462 11.43 9.33 1.59
CA LEU A 462 11.30 9.63 0.20
C LEU A 462 11.08 11.15 -0.03
N ASN A 463 10.18 11.75 0.76
CA ASN A 463 9.92 13.19 0.62
C ASN A 463 11.10 14.06 1.09
N LEU A 464 11.65 13.71 2.22
CA LEU A 464 12.81 14.44 2.77
C LEU A 464 13.97 14.43 1.78
N TRP A 465 14.19 13.31 1.10
CA TRP A 465 15.24 13.18 0.07
C TRP A 465 14.97 13.90 -1.26
N GLY A 466 13.78 14.49 -1.42
CA GLY A 466 13.45 15.27 -2.61
C GLY A 466 12.63 14.58 -3.68
N TYR A 467 11.98 13.47 -3.32
CA TYR A 467 11.14 12.73 -4.25
C TYR A 467 9.66 12.99 -3.98
N GLU A 468 8.86 12.76 -5.01
CA GLU A 468 7.39 12.66 -4.92
C GLU A 468 7.01 11.18 -5.19
N ARG A 469 6.14 10.58 -4.37
CA ARG A 469 5.75 9.17 -4.57
C ARG A 469 4.71 9.13 -5.68
N VAL A 470 5.02 8.41 -6.76
CA VAL A 470 4.16 8.38 -7.94
C VAL A 470 3.60 7.00 -8.28
N ASP A 471 4.09 5.96 -7.63
CA ASP A 471 3.53 4.63 -7.80
C ASP A 471 3.88 3.80 -6.60
N GLU A 472 3.29 2.62 -6.52
CA GLU A 472 3.54 1.75 -5.42
C GLU A 472 3.34 0.34 -5.92
N ILE A 473 4.44 -0.42 -5.95
CA ILE A 473 4.41 -1.81 -6.41
C ILE A 473 4.09 -2.70 -5.24
N ILE A 474 3.28 -3.73 -5.48
CA ILE A 474 3.16 -4.76 -4.45
C ILE A 474 3.64 -6.09 -4.96
N TRP A 475 4.36 -6.78 -4.11
CA TRP A 475 4.84 -8.13 -4.39
C TRP A 475 3.94 -9.06 -3.60
N VAL A 476 3.14 -9.84 -4.34
CA VAL A 476 2.34 -10.89 -3.79
C VAL A 476 3.27 -12.08 -3.69
N LYS A 477 3.43 -12.53 -2.45
CA LYS A 477 4.39 -13.55 -2.11
C LYS A 477 3.74 -14.92 -2.30
N THR A 478 4.36 -15.78 -3.09
CA THR A 478 3.80 -17.12 -3.37
C THR A 478 4.79 -18.22 -3.03
N ASN A 479 4.27 -19.44 -2.93
CA ASN A 479 5.11 -20.65 -2.86
C ASN A 479 5.31 -21.20 -4.28
N GLN A 480 5.89 -22.40 -4.41
CA GLN A 480 6.19 -22.96 -5.74
C GLN A 480 4.94 -23.34 -6.53
N LEU A 481 3.81 -23.56 -5.86
CA LEU A 481 2.53 -23.85 -6.54
C LEU A 481 1.66 -22.59 -6.80
N GLN A 482 2.23 -21.39 -6.69
CA GLN A 482 1.54 -20.13 -7.00
C GLN A 482 0.39 -19.78 -6.04
N ARG A 483 0.45 -20.31 -4.82
CA ARG A 483 -0.48 -19.97 -3.75
C ARG A 483 0.14 -18.91 -2.84
N ILE A 484 -0.69 -18.03 -2.33
CA ILE A 484 -0.23 -16.95 -1.48
C ILE A 484 0.33 -17.50 -0.16
N ILE A 485 1.46 -16.99 0.26
CA ILE A 485 2.03 -17.26 1.59
C ILE A 485 1.48 -16.23 2.58
N ARG A 486 0.88 -16.72 3.66
CA ARG A 486 0.26 -15.91 4.71
C ARG A 486 1.16 -15.80 5.94
N THR A 487 1.71 -14.61 6.20
CA THR A 487 2.60 -14.38 7.35
C THR A 487 1.85 -13.65 8.47
N ARG A 489 2.74 -11.42 11.91
CA ARG A 489 3.24 -10.36 12.77
C ARG A 489 2.32 -10.14 13.97
N THR A 490 2.89 -10.15 15.18
CA THR A 490 2.12 -9.95 16.40
C THR A 490 1.63 -8.50 16.47
N GLY A 491 0.43 -8.31 17.01
CA GLY A 491 -0.23 -7.00 17.00
C GLY A 491 -1.03 -6.70 15.74
N HIS A 492 -1.06 -7.63 14.79
CA HIS A 492 -1.91 -7.53 13.60
C HIS A 492 -2.95 -8.64 13.66
N TRP A 493 -4.18 -8.33 13.28
CA TRP A 493 -5.25 -9.34 13.20
C TRP A 493 -5.61 -9.66 11.73
N LEU A 494 -4.73 -9.26 10.80
CA LEU A 494 -4.77 -9.70 9.40
C LEU A 494 -3.44 -10.35 9.04
N ASN A 495 -3.52 -11.49 8.35
CA ASN A 495 -2.34 -12.08 7.75
C ASN A 495 -1.88 -11.20 6.60
N HIS A 496 -0.59 -11.22 6.32
CA HIS A 496 0.01 -10.40 5.26
C HIS A 496 0.44 -11.29 4.11
N GLY A 497 0.05 -10.90 2.90
CA GLY A 497 0.34 -11.69 1.71
C GLY A 497 1.29 -10.99 0.76
N LYS A 498 1.82 -9.83 1.17
CA LYS A 498 2.54 -8.96 0.27
C LYS A 498 3.56 -8.05 0.99
N GLU A 499 4.49 -7.53 0.19
CA GLU A 499 5.36 -6.41 0.57
C GLU A 499 5.21 -5.32 -0.45
N HIS A 500 5.51 -4.09 -0.03
CA HIS A 500 5.31 -2.91 -0.84
C HIS A 500 6.63 -2.29 -1.22
N CYS A 501 6.67 -1.72 -2.41
CA CYS A 501 7.82 -0.98 -2.89
C CYS A 501 7.34 0.37 -3.39
N LEU A 502 7.67 1.45 -2.67
CA LEU A 502 7.30 2.82 -3.07
C LEU A 502 8.13 3.26 -4.27
N VAL A 503 7.51 3.95 -5.21
CA VAL A 503 8.20 4.49 -6.37
C VAL A 503 8.15 6.01 -6.35
N GLY A 504 9.32 6.61 -6.18
CA GLY A 504 9.42 8.07 -6.14
C GLY A 504 10.04 8.60 -7.40
N VAL A 505 9.71 9.83 -7.73
CA VAL A 505 10.29 10.50 -8.89
C VAL A 505 10.97 11.78 -8.41
N LYS A 506 12.13 12.06 -8.99
CA LYS A 506 12.85 13.32 -8.76
C LYS A 506 13.09 13.97 -10.11
N GLY A 507 12.93 15.29 -10.14
CA GLY A 507 13.12 16.07 -11.35
C GLY A 507 12.02 15.78 -12.36
N ASN A 508 12.39 15.78 -13.62
CA ASN A 508 11.48 15.37 -14.68
C ASN A 508 12.20 14.38 -15.60
N PRO A 509 12.09 13.07 -15.30
CA PRO A 509 12.79 12.09 -16.13
C PRO A 509 12.28 12.06 -17.57
N GLN A 510 13.20 12.00 -18.52
CA GLN A 510 12.82 11.91 -19.93
C GLN A 510 13.29 10.62 -20.57
N GLY A 511 12.40 10.02 -21.37
CA GLY A 511 12.73 8.90 -22.22
C GLY A 511 12.66 7.54 -21.55
N PHE A 512 12.04 7.48 -20.37
CA PHE A 512 11.82 6.22 -19.67
C PHE A 512 10.57 5.60 -20.27
N ASN A 513 10.48 4.27 -20.31
CA ASN A 513 9.33 3.58 -20.90
C ASN A 513 8.27 3.32 -19.85
N GLN A 514 7.59 4.39 -19.48
CA GLN A 514 6.55 4.32 -18.44
C GLN A 514 5.32 3.57 -18.97
N GLY A 515 4.74 2.70 -18.14
CA GLY A 515 3.51 2.01 -18.51
C GLY A 515 3.67 0.70 -19.24
N LEU A 516 4.92 0.21 -19.37
CA LEU A 516 5.15 -1.12 -19.93
C LEU A 516 4.77 -2.23 -18.97
N ASP A 517 5.16 -2.10 -17.72
CA ASP A 517 4.85 -3.11 -16.73
C ASP A 517 3.69 -2.65 -15.86
N CYS A 518 3.12 -3.56 -15.12
CA CYS A 518 2.08 -3.18 -14.16
C CYS A 518 2.68 -3.18 -12.76
N ASP A 519 1.87 -2.79 -11.79
CA ASP A 519 2.32 -2.56 -10.41
C ASP A 519 2.11 -3.74 -9.42
N VAL A 520 1.89 -4.95 -9.94
CA VAL A 520 1.80 -6.14 -9.12
C VAL A 520 2.82 -7.16 -9.57
N ILE A 521 3.68 -7.58 -8.66
CA ILE A 521 4.64 -8.68 -8.88
C ILE A 521 4.08 -9.92 -8.22
N VAL A 522 4.01 -11.01 -8.95
CA VAL A 522 3.68 -12.29 -8.36
C VAL A 522 4.97 -13.08 -8.53
N ALA A 523 5.57 -13.47 -7.40
CA ALA A 523 6.86 -14.16 -7.42
C ALA A 523 7.05 -14.96 -6.15
N GLU A 524 7.76 -16.07 -6.26
CA GLU A 524 7.99 -16.95 -5.13
C GLU A 524 8.89 -16.30 -4.10
N VAL A 525 8.59 -16.55 -2.83
N VAL A 525 8.59 -16.53 -2.82
CA VAL A 525 9.45 -16.17 -1.72
CA VAL A 525 9.48 -16.15 -1.74
C VAL A 525 10.68 -17.08 -1.71
C VAL A 525 10.70 -17.06 -1.78
N ARG A 526 11.85 -16.50 -1.41
CA ARG A 526 13.10 -17.25 -1.30
C ARG A 526 13.58 -17.05 0.14
N SER A 527 14.88 -16.89 0.42
CA SER A 527 15.30 -16.69 1.82
C SER A 527 14.76 -15.38 2.41
N THR A 528 14.87 -15.25 3.72
CA THR A 528 14.35 -14.09 4.42
C THR A 528 14.90 -12.80 3.82
N SER A 529 13.99 -11.84 3.60
CA SER A 529 14.29 -10.55 2.98
C SER A 529 14.75 -10.57 1.51
N HIS A 530 14.83 -11.73 0.86
CA HIS A 530 15.26 -11.77 -0.54
C HIS A 530 14.14 -11.28 -1.48
N LYS A 531 14.33 -10.10 -2.07
CA LYS A 531 13.30 -9.48 -2.91
C LYS A 531 13.31 -10.15 -4.30
N PRO A 532 12.18 -10.15 -5.01
CA PRO A 532 12.13 -10.87 -6.31
C PRO A 532 12.97 -10.24 -7.40
N ASP A 533 13.62 -11.08 -8.21
CA ASP A 533 14.47 -10.61 -9.31
C ASP A 533 13.69 -9.95 -10.41
N GLU A 534 12.39 -10.23 -10.48
CA GLU A 534 11.47 -9.54 -11.38
C GLU A 534 11.62 -8.03 -11.40
N ILE A 535 11.89 -7.45 -10.23
CA ILE A 535 12.05 -5.99 -10.13
C ILE A 535 13.19 -5.49 -11.03
N TYR A 536 14.28 -6.26 -11.20
CA TYR A 536 15.39 -5.82 -12.09
C TYR A 536 14.96 -5.77 -13.55
N GLY A 537 14.14 -6.74 -13.94
CA GLY A 537 13.57 -6.76 -15.28
C GLY A 537 12.65 -5.58 -15.54
N MET A 538 11.75 -5.28 -14.59
CA MET A 538 10.84 -4.15 -14.70
C MET A 538 11.62 -2.84 -14.82
N ILE A 539 12.67 -2.72 -13.99
CA ILE A 539 13.52 -1.52 -14.04
C ILE A 539 14.31 -1.39 -15.36
N GLU A 540 14.78 -2.52 -15.89
CA GLU A 540 15.54 -2.52 -17.13
C GLU A 540 14.68 -2.17 -18.34
N ARG A 541 13.42 -2.63 -18.33
CA ARG A 541 12.50 -2.27 -19.40
C ARG A 541 12.12 -0.81 -19.29
N LEU A 542 11.93 -0.31 -18.06
CA LEU A 542 11.65 1.11 -17.81
C LEU A 542 12.78 2.03 -18.28
N SER A 543 14.02 1.62 -18.01
CA SER A 543 15.22 2.44 -18.28
C SER A 543 16.38 1.61 -18.83
N PRO A 544 16.29 1.18 -20.11
CA PRO A 544 17.31 0.27 -20.64
C PRO A 544 18.67 0.93 -20.81
N GLY A 545 19.70 0.21 -20.39
CA GLY A 545 21.09 0.58 -20.63
C GLY A 545 21.66 1.71 -19.79
N THR A 546 20.88 2.21 -18.84
CA THR A 546 21.29 3.31 -17.96
C THR A 546 21.94 2.74 -16.71
N ARG A 547 22.68 3.57 -15.98
CA ARG A 547 23.31 3.16 -14.71
C ARG A 547 22.37 3.26 -13.49
N LYS A 548 22.45 2.26 -12.63
CA LYS A 548 21.53 2.12 -11.50
C LYS A 548 22.33 1.79 -10.26
N ILE A 549 21.78 2.07 -9.08
CA ILE A 549 22.45 1.80 -7.84
C ILE A 549 21.47 1.20 -6.84
N GLU A 550 21.92 0.17 -6.15
CA GLU A 550 21.14 -0.54 -5.15
C GLU A 550 21.81 -0.36 -3.82
N LEU A 551 21.04 0.06 -2.83
CA LEU A 551 21.49 0.21 -1.46
C LEU A 551 20.96 -0.92 -0.59
N PHE A 552 21.83 -1.45 0.26
CA PHE A 552 21.54 -2.52 1.20
C PHE A 552 21.32 -3.83 0.47
N GLY A 553 22.02 -4.01 -0.64
CA GLY A 553 21.97 -5.27 -1.38
C GLY A 553 22.94 -6.28 -0.80
N ARG A 554 22.64 -7.57 -1.05
CA ARG A 554 23.48 -8.70 -0.66
C ARG A 554 24.13 -9.29 -1.93
N PRO A 555 25.07 -10.23 -1.79
CA PRO A 555 25.74 -10.74 -3.02
C PRO A 555 24.82 -11.20 -4.17
N HIS A 556 23.71 -11.86 -3.82
CA HIS A 556 22.75 -12.34 -4.82
C HIS A 556 21.99 -11.22 -5.55
N ASN A 557 22.08 -9.98 -5.06
CA ASN A 557 21.49 -8.80 -5.72
C ASN A 557 22.34 -8.16 -6.80
N VAL A 558 23.63 -8.53 -6.94
CA VAL A 558 24.44 -7.80 -7.93
C VAL A 558 23.98 -8.13 -9.35
N GLN A 559 23.99 -7.15 -10.23
CA GLN A 559 23.39 -7.27 -11.57
C GLN A 559 24.15 -6.40 -12.56
N PRO A 560 24.15 -6.79 -13.85
CA PRO A 560 24.73 -5.88 -14.84
C PRO A 560 24.01 -4.51 -14.88
N ASN A 561 24.79 -3.47 -15.16
CA ASN A 561 24.38 -2.05 -15.11
C ASN A 561 24.11 -1.49 -13.72
N TRP A 562 24.24 -2.30 -12.66
CA TRP A 562 24.01 -1.85 -11.28
C TRP A 562 25.33 -1.77 -10.52
N ILE A 563 25.41 -0.78 -9.64
CA ILE A 563 26.38 -0.76 -8.56
C ILE A 563 25.63 -1.08 -7.28
N THR A 564 26.12 -2.05 -6.53
CA THR A 564 25.46 -2.51 -5.30
C THR A 564 26.31 -2.12 -4.09
N LEU A 565 25.65 -1.50 -3.10
CA LEU A 565 26.25 -1.17 -1.81
C LEU A 565 25.59 -1.96 -0.71
N GLY A 566 26.40 -2.45 0.22
CA GLY A 566 25.88 -3.15 1.38
C GLY A 566 27.03 -3.69 2.20
N ASN A 567 26.75 -4.10 3.44
CA ASN A 567 27.80 -4.56 4.37
C ASN A 567 28.00 -6.09 4.39
N GLN A 568 27.23 -6.81 3.58
CA GLN A 568 27.42 -8.26 3.40
C GLN A 568 28.06 -8.64 2.07
N LEU A 569 28.46 -7.65 1.27
CA LEU A 569 29.13 -7.88 -0.01
C LEU A 569 30.60 -8.23 0.25
N ASP A 570 31.27 -8.82 -0.73
CA ASP A 570 32.64 -9.30 -0.58
C ASP A 570 33.59 -8.33 -1.27
N GLY A 571 34.17 -7.45 -0.46
CA GLY A 571 35.15 -6.48 -0.92
C GLY A 571 34.56 -5.41 -1.83
N ILE A 572 35.42 -4.93 -2.73
CA ILE A 572 35.13 -3.82 -3.60
C ILE A 572 35.47 -4.27 -5.01
N HIS A 573 34.47 -4.24 -5.90
CA HIS A 573 34.63 -4.64 -7.28
C HIS A 573 34.09 -3.50 -8.15
N LEU A 574 35.00 -2.65 -8.63
CA LEU A 574 34.70 -1.48 -9.43
C LEU A 574 35.45 -1.57 -10.76
N LEU A 575 34.74 -1.28 -11.84
CA LEU A 575 35.24 -1.41 -13.22
C LEU A 575 35.09 -0.16 -14.10
N ASP A 576 34.09 0.68 -13.79
CA ASP A 576 33.88 1.95 -14.46
C ASP A 576 35.10 2.85 -14.18
N PRO A 577 35.89 3.18 -15.21
CA PRO A 577 37.11 3.96 -14.98
C PRO A 577 36.88 5.27 -14.24
N ASP A 578 35.77 5.95 -14.53
CA ASP A 578 35.47 7.23 -13.87
C ASP A 578 35.24 7.03 -12.37
N VAL A 579 34.48 6.00 -12.02
CA VAL A 579 34.22 5.66 -10.61
C VAL A 579 35.52 5.17 -9.95
N VAL A 580 36.27 4.34 -10.67
CA VAL A 580 37.58 3.84 -10.20
C VAL A 580 38.50 5.01 -9.83
N ALA A 581 38.66 5.97 -10.74
CA ALA A 581 39.51 7.15 -10.47
C ALA A 581 39.08 7.99 -9.26
N ARG A 582 37.78 8.28 -9.14
CA ARG A 582 37.27 9.11 -8.03
C ARG A 582 37.33 8.31 -6.71
N PHE A 583 37.13 7.00 -6.78
CA PHE A 583 37.28 6.15 -5.59
C PHE A 583 38.70 6.19 -5.06
N LYS A 584 39.69 6.00 -5.94
CA LYS A 584 41.11 6.05 -5.56
C LYS A 584 41.50 7.40 -4.97
N GLN A 585 41.02 8.48 -5.57
CA GLN A 585 41.27 9.84 -5.07
C GLN A 585 40.72 10.05 -3.68
N LYS A 586 39.49 9.59 -3.45
CA LYS A 586 38.83 9.71 -2.15
C LYS A 586 39.34 8.74 -1.09
N TYR A 587 39.59 7.49 -1.49
CA TYR A 587 39.95 6.39 -0.59
C TYR A 587 41.22 5.75 -1.12
N PRO A 588 42.36 6.48 -1.08
CA PRO A 588 43.63 5.92 -1.61
C PRO A 588 44.09 4.59 -0.99
N ASP A 589 43.77 4.35 0.28
CA ASP A 589 44.08 3.07 0.95
C ASP A 589 42.88 2.12 1.08
N GLY A 590 41.79 2.39 0.37
CA GLY A 590 40.61 1.53 0.36
C GLY A 590 39.80 1.44 1.63
N ILE A 591 40.02 2.36 2.58
CA ILE A 591 39.43 2.25 3.91
C ILE A 591 38.29 3.25 4.03
N ILE A 592 37.06 2.73 4.18
CA ILE A 592 35.85 3.56 4.31
C ILE A 592 35.37 3.61 5.77
N SER A 593 36.16 4.27 6.62
CA SER A 593 35.87 4.35 8.06
C SER A 593 34.94 5.52 8.42
N LYS A 594 34.45 5.51 9.66
CA LYS A 594 33.58 6.55 10.20
C LYS A 594 34.24 7.93 10.09
N PRO A 595 33.63 8.88 9.33
CA PRO A 595 34.28 10.20 9.16
C PRO A 595 34.27 11.05 10.42
N ASN B 117 9.94 -18.98 -14.49
CA ASN B 117 9.06 -18.07 -15.29
C ASN B 117 8.95 -16.70 -14.63
N ASP B 118 8.72 -15.68 -15.46
CA ASP B 118 8.63 -14.30 -15.02
C ASP B 118 7.27 -13.76 -15.47
N TYR B 119 6.33 -13.58 -14.53
CA TYR B 119 5.00 -13.08 -14.88
C TYR B 119 5.01 -11.62 -15.32
N CYS B 120 6.02 -10.84 -14.90
CA CYS B 120 6.15 -9.47 -15.39
C CYS B 120 6.43 -9.45 -16.90
N GLN B 121 7.44 -10.20 -17.32
CA GLN B 121 7.75 -10.34 -18.75
C GLN B 121 6.55 -10.92 -19.51
N HIS B 122 5.87 -11.90 -18.93
CA HIS B 122 4.65 -12.46 -19.54
C HIS B 122 3.54 -11.41 -19.72
N PHE B 123 3.33 -10.54 -18.74
CA PHE B 123 2.39 -9.42 -18.91
C PHE B 123 2.81 -8.46 -20.03
N VAL B 124 4.10 -8.15 -20.13
CA VAL B 124 4.58 -7.26 -21.21
C VAL B 124 4.32 -7.89 -22.58
N ASP B 125 4.52 -9.20 -22.68
CA ASP B 125 4.37 -9.96 -23.91
C ASP B 125 2.92 -10.23 -24.31
N THR B 126 2.05 -10.48 -23.32
CA THR B 126 0.68 -10.99 -23.57
C THR B 126 -0.47 -10.12 -23.07
N GLY B 127 -0.23 -9.20 -22.13
CA GLY B 127 -1.32 -8.43 -21.52
C GLY B 127 -2.04 -9.12 -20.34
N HIS B 128 -1.70 -10.37 -20.02
CA HIS B 128 -2.28 -11.07 -18.89
C HIS B 128 -1.56 -10.61 -17.62
N ARG B 129 -2.30 -10.02 -16.70
CA ARG B 129 -1.69 -9.55 -15.44
C ARG B 129 -1.10 -10.69 -14.63
N PRO B 130 0.01 -10.43 -13.90
CA PRO B 130 0.58 -11.46 -13.07
C PRO B 130 -0.40 -12.12 -12.08
N GLN B 131 -1.28 -11.29 -11.50
CA GLN B 131 -2.29 -11.74 -10.56
C GLN B 131 -3.26 -12.77 -11.14
N ASN B 132 -3.42 -12.79 -12.47
CA ASN B 132 -4.23 -13.82 -13.17
C ASN B 132 -3.75 -15.25 -12.86
N PHE B 133 -2.50 -15.42 -12.44
CA PHE B 133 -1.89 -16.73 -12.23
C PHE B 133 -1.74 -17.13 -10.77
N ILE B 134 -2.26 -16.32 -9.86
CA ILE B 134 -2.36 -16.74 -8.47
C ILE B 134 -3.47 -17.81 -8.35
N ARG B 135 -3.14 -18.89 -7.67
CA ARG B 135 -4.01 -20.07 -7.58
C ARG B 135 -4.78 -20.09 -6.27
N ASP B 136 -5.98 -20.68 -6.32
CA ASP B 136 -6.88 -20.83 -5.17
C ASP B 136 -7.09 -19.51 -4.42
N VAL B 137 -7.44 -18.48 -5.19
CA VAL B 137 -7.55 -17.10 -4.71
C VAL B 137 -9.01 -16.74 -4.44
CA LEU B 149 -11.67 -24.73 9.22
C LEU B 149 -12.97 -24.06 8.75
N ARG B 150 -13.67 -24.73 7.84
CA ARG B 150 -14.92 -24.22 7.25
C ARG B 150 -16.03 -24.06 8.30
N GLU B 151 -16.16 -25.04 9.17
CA GLU B 151 -17.15 -25.01 10.28
C GLU B 151 -16.97 -23.83 11.24
N LEU B 152 -15.72 -23.46 11.52
CA LEU B 152 -15.41 -22.31 12.38
C LEU B 152 -15.85 -20.98 11.75
N ILE B 153 -15.54 -20.81 10.46
CA ILE B 153 -15.87 -19.59 9.72
C ILE B 153 -17.40 -19.43 9.58
N ARG B 154 -18.10 -20.55 9.37
CA ARG B 154 -19.55 -20.54 9.22
C ARG B 154 -20.28 -20.17 10.53
N LEU B 155 -19.82 -20.69 11.67
CA LEU B 155 -20.42 -20.37 12.98
C LEU B 155 -20.28 -18.88 13.32
N LYS B 156 -19.11 -18.33 13.00
CA LYS B 156 -18.80 -16.91 13.18
C LYS B 156 -19.60 -15.99 12.25
N ASP B 157 -19.72 -16.38 10.97
CA ASP B 157 -20.67 -15.74 10.04
C ASP B 157 -22.07 -15.74 10.65
N GLU B 158 -22.49 -16.88 11.19
CA GLU B 158 -23.83 -17.01 11.80
C GLU B 158 -24.03 -16.06 13.00
N LEU B 159 -23.05 -15.99 13.89
CA LEU B 159 -23.11 -15.09 15.06
C LEU B 159 -23.12 -13.61 14.64
N ILE B 160 -22.33 -13.27 13.63
CA ILE B 160 -22.40 -11.91 13.06
C ILE B 160 -23.80 -11.62 12.56
N ALA B 161 -24.36 -12.56 11.80
CA ALA B 161 -25.70 -12.36 11.22
C ALA B 161 -26.74 -12.18 12.32
N LYS B 162 -26.61 -12.95 13.40
CA LYS B 162 -27.57 -12.89 14.52
C LYS B 162 -27.47 -11.58 15.30
N SER B 163 -26.24 -11.09 15.52
CA SER B 163 -26.06 -9.85 16.26
C SER B 163 -26.25 -8.58 15.40
N ASN B 164 -26.32 -8.71 14.07
CA ASN B 164 -26.50 -7.55 13.20
C ASN B 164 -27.78 -6.78 13.50
N THR B 165 -27.66 -5.46 13.58
CA THR B 165 -28.79 -4.56 13.55
C THR B 165 -29.49 -4.65 12.20
N PRO B 166 -30.78 -4.28 12.15
CA PRO B 166 -31.42 -4.14 10.86
C PRO B 166 -30.66 -3.08 10.04
N PRO B 167 -30.63 -3.21 8.70
CA PRO B 167 -29.96 -2.18 7.90
C PRO B 167 -30.64 -0.84 8.11
N MET B 168 -29.81 0.19 8.26
CA MET B 168 -30.33 1.55 8.40
CA MET B 168 -30.27 1.57 8.43
C MET B 168 -29.60 2.40 7.36
N TYR B 169 -30.30 3.41 6.85
CA TYR B 169 -29.75 4.17 5.73
C TYR B 169 -30.36 5.55 5.66
N LEU B 170 -29.59 6.49 5.11
CA LEU B 170 -29.98 7.89 5.05
C LEU B 170 -29.41 8.53 3.81
N GLN B 171 -30.27 9.11 3.00
CA GLN B 171 -29.83 9.96 1.90
C GLN B 171 -29.38 11.28 2.51
N ALA B 172 -28.17 11.69 2.19
CA ALA B 172 -27.66 12.98 2.65
C ALA B 172 -26.57 13.45 1.69
N ASP B 173 -26.58 14.75 1.39
N ASP B 173 -26.58 14.74 1.35
CA ASP B 173 -25.52 15.41 0.64
CA ASP B 173 -25.51 15.32 0.57
C ASP B 173 -24.44 15.70 1.64
C ASP B 173 -24.43 15.71 1.58
N ILE B 174 -23.38 14.90 1.63
CA ILE B 174 -22.37 14.93 2.68
C ILE B 174 -21.57 16.26 2.66
N GLU B 175 -21.47 16.91 1.50
CA GLU B 175 -20.92 18.28 1.42
C GLU B 175 -21.66 19.26 2.34
N ALA B 176 -22.99 19.18 2.35
CA ALA B 176 -23.88 20.16 3.00
C ALA B 176 -24.54 19.66 4.29
N PHE B 177 -24.09 18.52 4.80
CA PHE B 177 -24.74 17.81 5.90
C PHE B 177 -23.91 18.01 7.15
N ASP B 178 -24.55 18.28 8.26
CA ASP B 178 -23.84 18.34 9.54
C ASP B 178 -23.62 16.90 9.99
N ILE B 179 -22.42 16.39 9.75
CA ILE B 179 -22.03 15.01 10.12
C ILE B 179 -22.34 14.64 11.57
N ARG B 180 -22.29 15.62 12.48
CA ARG B 180 -22.55 15.35 13.90
C ARG B 180 -23.98 14.89 14.20
N GLU B 181 -24.89 15.07 13.24
CA GLU B 181 -26.26 14.53 13.35
C GLU B 181 -26.30 12.99 13.33
N LEU B 182 -25.21 12.33 12.91
CA LEU B 182 -25.16 10.86 12.94
C LEU B 182 -24.68 10.39 14.29
N THR B 183 -25.59 9.84 15.09
CA THR B 183 -25.28 9.32 16.44
C THR B 183 -25.82 7.90 16.60
N PRO B 184 -25.32 7.14 17.59
CA PRO B 184 -24.22 7.53 18.50
C PRO B 184 -22.84 7.34 17.84
N LYS B 185 -21.76 7.44 18.62
CA LYS B 185 -20.40 7.38 18.07
C LYS B 185 -20.13 5.98 17.53
N PHE B 186 -19.41 5.89 16.41
CA PHE B 186 -19.27 4.63 15.69
C PHE B 186 -18.03 3.87 16.08
N ASP B 187 -18.15 2.55 16.07
CA ASP B 187 -17.06 1.63 16.35
C ASP B 187 -16.21 1.43 15.09
N VAL B 188 -16.89 1.43 13.95
CA VAL B 188 -16.27 1.24 12.63
C VAL B 188 -16.85 2.22 11.62
N ILE B 189 -15.95 2.87 10.87
CA ILE B 189 -16.36 3.73 9.78
C ILE B 189 -15.71 3.24 8.49
N LEU B 190 -16.52 2.97 7.47
CA LEU B 190 -16.07 2.69 6.10
C LEU B 190 -16.33 3.95 5.26
N LEU B 191 -15.27 4.46 4.65
CA LEU B 191 -15.32 5.73 3.95
CA LEU B 191 -15.31 5.73 3.96
C LEU B 191 -14.94 5.48 2.51
N GLU B 192 -15.90 5.76 1.59
CA GLU B 192 -15.76 5.43 0.17
C GLU B 192 -16.05 6.64 -0.71
N PRO B 193 -15.31 7.74 -0.50
CA PRO B 193 -15.57 8.94 -1.30
C PRO B 193 -15.37 8.68 -2.79
N PRO B 194 -16.26 9.24 -3.64
CA PRO B 194 -16.16 9.02 -5.09
C PRO B 194 -15.03 9.84 -5.73
N LEU B 195 -13.91 9.18 -5.92
CA LEU B 195 -12.74 9.82 -6.54
C LEU B 195 -12.93 9.86 -8.06
N GLU B 196 -12.54 10.97 -8.67
CA GLU B 196 -12.58 11.13 -10.13
C GLU B 196 -11.88 9.98 -10.88
N GLU B 197 -10.78 9.48 -10.33
CA GLU B 197 -10.07 8.35 -10.95
C GLU B 197 -10.92 7.09 -11.18
N TYR B 198 -11.95 6.90 -10.36
CA TYR B 198 -12.89 5.78 -10.52
C TYR B 198 -13.72 5.86 -11.82
N TYR B 199 -13.87 7.06 -12.37
CA TYR B 199 -14.78 7.33 -13.49
C TYR B 199 -14.10 7.50 -14.85
N ARG B 200 -12.95 8.17 -14.90
CA ARG B 200 -12.38 8.74 -16.14
C ARG B 200 -12.12 7.74 -17.27
N LYS B 209 -21.25 14.56 -8.04
CA LYS B 209 -20.07 15.30 -7.60
C LYS B 209 -18.95 14.31 -7.26
N CYS B 210 -17.78 14.49 -7.88
CA CYS B 210 -16.57 13.77 -7.50
C CYS B 210 -16.00 14.48 -6.26
N TRP B 211 -15.37 13.72 -5.38
CA TRP B 211 -14.75 14.28 -4.16
C TRP B 211 -13.24 14.33 -4.35
N THR B 212 -12.63 15.48 -4.04
CA THR B 212 -11.17 15.60 -4.02
C THR B 212 -10.67 15.32 -2.62
N TRP B 213 -9.37 15.09 -2.53
CA TRP B 213 -8.74 14.92 -1.23
C TRP B 213 -8.85 16.18 -0.35
N ASP B 214 -8.95 17.36 -0.97
CA ASP B 214 -9.21 18.62 -0.22
C ASP B 214 -10.55 18.49 0.52
N ASP B 215 -11.59 18.07 -0.21
CA ASP B 215 -12.92 17.84 0.34
C ASP B 215 -12.90 16.77 1.44
N ILE B 216 -12.26 15.64 1.14
CA ILE B 216 -12.24 14.48 2.04
C ILE B 216 -11.56 14.82 3.37
N MET B 217 -10.39 15.42 3.28
CA MET B 217 -9.60 15.78 4.47
C MET B 217 -10.37 16.69 5.42
N LYS B 218 -11.31 17.45 4.88
CA LYS B 218 -12.10 18.43 5.65
C LYS B 218 -13.37 17.85 6.27
N LEU B 219 -13.69 16.59 6.01
CA LEU B 219 -14.73 15.88 6.75
C LEU B 219 -14.33 15.75 8.22
N GLU B 220 -15.24 16.07 9.13
CA GLU B 220 -14.92 16.03 10.55
C GLU B 220 -15.19 14.64 11.14
N ILE B 221 -14.45 13.65 10.65
CA ILE B 221 -14.67 12.25 11.06
C ILE B 221 -14.44 12.01 12.53
N ASP B 222 -13.47 12.72 13.10
CA ASP B 222 -13.16 12.60 14.53
C ASP B 222 -14.34 12.99 15.42
N GLU B 223 -15.29 13.77 14.89
CA GLU B 223 -16.45 14.18 15.67
C GLU B 223 -17.49 13.07 15.86
N ILE B 224 -17.46 12.06 15.00
CA ILE B 224 -18.44 10.95 15.10
C ILE B 224 -17.84 9.58 15.43
N ALA B 225 -16.52 9.49 15.54
CA ALA B 225 -15.88 8.23 15.84
C ALA B 225 -15.82 8.04 17.35
N ALA B 226 -16.05 6.81 17.81
CA ALA B 226 -15.86 6.50 19.22
C ALA B 226 -14.37 6.61 19.61
N PRO B 227 -14.10 6.84 20.92
CA PRO B 227 -12.70 7.02 21.31
C PRO B 227 -11.82 5.79 21.06
N ARG B 228 -12.41 4.60 21.15
CA ARG B 228 -11.81 3.39 20.61
C ARG B 228 -12.63 3.06 19.37
N SER B 229 -11.99 3.07 18.20
CA SER B 229 -12.71 2.84 16.93
C SER B 229 -11.75 2.64 15.76
N PHE B 230 -12.34 2.29 14.62
CA PHE B 230 -11.59 1.87 13.44
C PHE B 230 -12.17 2.53 12.21
N ILE B 231 -11.30 2.76 11.23
CA ILE B 231 -11.68 3.33 9.97
C ILE B 231 -11.11 2.49 8.83
N PHE B 232 -11.86 2.43 7.74
CA PHE B 232 -11.46 1.74 6.52
C PHE B 232 -11.70 2.75 5.41
N LEU B 233 -10.62 3.21 4.79
CA LEU B 233 -10.72 4.28 3.82
C LEU B 233 -10.24 3.77 2.46
N TRP B 234 -11.13 3.77 1.47
CA TRP B 234 -10.75 3.49 0.09
C TRP B 234 -10.02 4.69 -0.50
N CYS B 235 -8.77 4.46 -0.91
CA CYS B 235 -7.81 5.51 -1.30
C CYS B 235 -7.45 5.50 -2.78
N GLY B 236 -7.94 4.54 -3.54
CA GLY B 236 -7.60 4.47 -4.96
C GLY B 236 -6.20 3.93 -5.18
N SER B 237 -5.53 4.47 -6.20
CA SER B 237 -4.24 3.97 -6.62
C SER B 237 -3.23 5.08 -6.85
N GLY B 238 -3.60 6.32 -6.54
CA GLY B 238 -2.83 7.50 -6.91
C GLY B 238 -2.40 8.27 -5.67
N GLU B 239 -2.59 9.58 -5.72
CA GLU B 239 -2.24 10.48 -4.60
C GLU B 239 -2.96 10.10 -3.30
N GLY B 240 -4.11 9.42 -3.39
CA GLY B 240 -4.80 8.95 -2.20
C GLY B 240 -4.00 8.07 -1.27
N LEU B 241 -3.02 7.32 -1.79
CA LEU B 241 -2.19 6.50 -0.91
C LEU B 241 -1.39 7.35 0.09
N ASP B 242 -1.07 8.58 -0.27
CA ASP B 242 -0.38 9.50 0.63
C ASP B 242 -1.41 10.32 1.42
N LEU B 243 -2.37 10.89 0.70
CA LEU B 243 -3.32 11.82 1.31
C LEU B 243 -4.31 11.13 2.22
N GLY B 244 -4.66 9.87 1.93
CA GLY B 244 -5.49 9.11 2.86
C GLY B 244 -4.80 8.86 4.18
N ARG B 245 -3.48 8.68 4.15
CA ARG B 245 -2.71 8.54 5.37
C ARG B 245 -2.73 9.84 6.19
N VAL B 246 -2.63 10.98 5.51
CA VAL B 246 -2.74 12.29 6.18
C VAL B 246 -4.12 12.42 6.83
N CYS B 247 -5.16 12.03 6.08
CA CYS B 247 -6.52 12.01 6.65
C CYS B 247 -6.63 11.18 7.91
N LEU B 248 -6.14 9.93 7.86
CA LEU B 248 -6.22 9.04 9.01
C LEU B 248 -5.63 9.69 10.28
N ARG B 249 -4.43 10.25 10.11
CA ARG B 249 -3.74 10.89 11.24
C ARG B 249 -4.44 12.18 11.68
N LYS B 250 -4.98 12.94 10.73
CA LYS B 250 -5.77 14.15 11.04
C LYS B 250 -6.94 13.84 11.95
N TRP B 251 -7.59 12.71 11.68
CA TRP B 251 -8.78 12.26 12.43
C TRP B 251 -8.46 11.46 13.69
N GLY B 252 -7.17 11.29 13.99
CA GLY B 252 -6.71 10.70 15.22
C GLY B 252 -6.43 9.21 15.15
N TYR B 253 -6.35 8.64 13.94
CA TYR B 253 -5.99 7.22 13.79
C TYR B 253 -4.54 6.99 13.43
N ARG B 254 -4.07 5.77 13.70
N ARG B 254 -4.10 5.75 13.65
CA ARG B 254 -2.79 5.26 13.21
CA ARG B 254 -2.79 5.25 13.24
C ARG B 254 -3.12 4.23 12.13
C ARG B 254 -3.10 4.20 12.15
N ARG B 255 -2.41 4.27 11.01
CA ARG B 255 -2.61 3.30 9.92
C ARG B 255 -2.04 1.95 10.41
N CYS B 256 -2.87 0.91 10.44
CA CYS B 256 -2.44 -0.41 10.92
C CYS B 256 -2.52 -1.56 9.91
N GLU B 257 -3.32 -1.41 8.85
CA GLU B 257 -3.27 -2.35 7.71
C GLU B 257 -3.43 -1.59 6.41
N ASP B 258 -2.86 -2.16 5.35
CA ASP B 258 -3.04 -1.66 4.01
C ASP B 258 -3.59 -2.86 3.22
N ILE B 259 -4.89 -2.81 2.93
CA ILE B 259 -5.61 -3.90 2.25
C ILE B 259 -5.66 -3.58 0.79
N CYS B 260 -5.04 -4.43 -0.03
N CYS B 260 -5.10 -4.47 -0.03
CA CYS B 260 -5.04 -4.22 -1.48
CA CYS B 260 -4.99 -4.20 -1.45
C CYS B 260 -6.07 -5.04 -2.21
C CYS B 260 -5.98 -5.04 -2.29
N TRP B 261 -6.84 -4.36 -3.04
CA TRP B 261 -7.75 -4.98 -4.02
C TRP B 261 -6.98 -5.09 -5.34
N ILE B 262 -6.58 -6.32 -5.64
CA ILE B 262 -5.82 -6.70 -6.83
C ILE B 262 -6.82 -7.14 -7.88
N LYS B 263 -6.77 -6.52 -9.04
CA LYS B 263 -7.74 -6.77 -10.10
C LYS B 263 -7.13 -7.58 -11.24
N THR B 264 -7.71 -8.74 -11.49
CA THR B 264 -7.32 -9.58 -12.63
C THR B 264 -8.00 -9.11 -13.93
N ASN B 265 -7.41 -9.51 -15.06
CA ASN B 265 -8.00 -9.26 -16.38
C ASN B 265 -8.05 -10.55 -17.22
N LYS B 266 -8.45 -11.64 -16.56
CA LYS B 266 -8.58 -12.96 -17.20
C LYS B 266 -9.56 -12.95 -18.41
N ASN B 267 -10.60 -12.12 -18.33
CA ASN B 267 -11.59 -12.00 -19.42
C ASN B 267 -11.16 -11.11 -20.58
N ASN B 268 -10.25 -10.17 -20.33
CA ASN B 268 -9.91 -9.14 -21.30
C ASN B 268 -8.43 -8.77 -21.19
N PRO B 269 -7.53 -9.71 -21.54
CA PRO B 269 -6.10 -9.39 -21.48
C PRO B 269 -5.71 -8.25 -22.41
N GLY B 270 -4.76 -7.43 -21.96
CA GLY B 270 -4.38 -6.19 -22.64
C GLY B 270 -3.89 -5.13 -21.67
N LYS B 271 -3.60 -3.94 -22.22
CA LYS B 271 -3.13 -2.79 -21.46
C LYS B 271 -4.31 -1.93 -20.97
N THR B 272 -4.06 -1.16 -19.91
CA THR B 272 -5.08 -0.34 -19.26
C THR B 272 -5.44 0.88 -20.11
N LEU B 275 -3.40 5.54 -19.10
CA LEU B 275 -2.46 5.77 -18.01
C LEU B 275 -2.57 7.20 -17.46
N ASP B 276 -2.29 7.36 -16.15
CA ASP B 276 -2.20 8.67 -15.50
C ASP B 276 -0.85 9.33 -15.88
N PRO B 277 -0.76 10.68 -15.93
CA PRO B 277 0.48 11.29 -16.44
C PRO B 277 1.73 11.05 -15.56
N LYS B 278 1.54 11.09 -14.24
CA LYS B 278 2.62 10.80 -13.29
C LYS B 278 3.00 9.30 -13.24
N ALA B 279 2.10 8.42 -13.69
CA ALA B 279 2.27 6.96 -13.50
C ALA B 279 3.51 6.39 -14.19
N VAL B 280 4.21 5.52 -13.47
CA VAL B 280 5.37 4.80 -13.96
C VAL B 280 4.94 3.43 -14.49
N PHE B 281 3.93 2.85 -13.86
CA PHE B 281 3.43 1.53 -14.18
C PHE B 281 1.93 1.58 -14.44
N GLN B 282 1.44 0.56 -15.14
CA GLN B 282 0.00 0.36 -15.25
C GLN B 282 -0.52 0.04 -13.87
N ARG B 283 -1.60 0.70 -13.48
CA ARG B 283 -2.19 0.56 -12.17
C ARG B 283 -3.31 -0.45 -12.20
N THR B 284 -3.13 -1.53 -11.44
CA THR B 284 -4.05 -2.67 -11.51
C THR B 284 -4.60 -3.07 -10.16
N LYS B 285 -4.54 -2.13 -9.20
CA LYS B 285 -5.00 -2.38 -7.86
C LYS B 285 -5.49 -1.11 -7.22
N GLU B 286 -6.23 -1.26 -6.12
CA GLU B 286 -6.68 -0.13 -5.27
C GLU B 286 -6.39 -0.46 -3.83
N HIS B 287 -6.23 0.55 -2.97
CA HIS B 287 -5.89 0.35 -1.57
C HIS B 287 -7.01 0.83 -0.65
N CYS B 288 -7.32 0.02 0.33
CA CYS B 288 -8.18 0.38 1.48
C CYS B 288 -7.34 0.38 2.74
N LEU B 289 -7.18 1.57 3.34
CA LEU B 289 -6.36 1.73 4.53
C LEU B 289 -7.21 1.52 5.77
N MET B 290 -6.70 0.71 6.70
CA MET B 290 -7.32 0.51 8.00
C MET B 290 -6.59 1.34 9.04
N GLY B 291 -7.36 2.09 9.80
CA GLY B 291 -6.84 2.91 10.90
C GLY B 291 -7.45 2.50 12.21
N ILE B 292 -6.69 2.70 13.29
CA ILE B 292 -7.12 2.38 14.65
C ILE B 292 -6.91 3.61 15.52
N LYS B 293 -7.84 3.88 16.43
CA LYS B 293 -7.62 4.88 17.47
C LYS B 293 -8.08 4.30 18.79
N GLY B 294 -7.44 4.74 19.86
CA GLY B 294 -7.72 4.24 21.20
C GLY B 294 -6.74 3.14 21.56
N THR B 295 -6.75 2.75 22.84
CA THR B 295 -5.68 1.93 23.41
C THR B 295 -5.99 0.43 23.35
N ASP B 310 -8.23 -13.86 7.91
CA ASP B 310 -8.23 -13.16 6.63
C ASP B 310 -6.83 -12.63 6.28
N ILE B 311 -6.66 -12.31 4.99
CA ILE B 311 -5.40 -11.77 4.45
C ILE B 311 -5.66 -10.32 3.98
N ASP B 312 -4.59 -9.53 3.88
CA ASP B 312 -4.68 -8.13 3.42
C ASP B 312 -4.77 -7.95 1.89
N LEU B 313 -5.39 -8.93 1.22
CA LEU B 313 -5.50 -8.99 -0.23
C LEU B 313 -6.91 -9.42 -0.57
N ILE B 314 -7.53 -8.73 -1.52
CA ILE B 314 -8.77 -9.12 -2.15
C ILE B 314 -8.48 -9.24 -3.65
N ILE B 315 -8.80 -10.39 -4.24
CA ILE B 315 -8.47 -10.62 -5.64
C ILE B 315 -9.75 -10.94 -6.36
N THR B 316 -10.12 -10.07 -7.28
CA THR B 316 -11.29 -10.26 -8.15
C THR B 316 -11.00 -9.76 -9.54
N GLU B 317 -11.88 -10.06 -10.49
CA GLU B 317 -11.72 -9.59 -11.84
C GLU B 317 -12.00 -8.09 -11.87
N GLU B 318 -11.31 -7.38 -12.74
CA GLU B 318 -11.56 -5.97 -12.96
C GLU B 318 -13.02 -5.74 -13.38
N PRO B 319 -13.73 -4.81 -12.72
CA PRO B 319 -15.13 -4.57 -13.10
C PRO B 319 -15.25 -3.91 -14.47
N GLU B 320 -16.43 -4.04 -15.08
CA GLU B 320 -16.72 -3.37 -16.35
C GLU B 320 -16.65 -1.86 -16.15
N ILE B 321 -16.19 -1.15 -17.18
CA ILE B 321 -16.18 0.34 -17.15
C ILE B 321 -17.50 0.95 -16.65
N GLY B 322 -17.38 2.03 -15.88
CA GLY B 322 -18.53 2.63 -15.23
C GLY B 322 -19.07 1.95 -13.98
N ASN B 323 -18.62 0.73 -13.66
CA ASN B 323 -18.99 0.05 -12.42
C ASN B 323 -17.97 0.49 -11.36
N ILE B 324 -18.42 1.32 -10.40
CA ILE B 324 -17.54 1.84 -9.34
C ILE B 324 -17.62 1.08 -8.01
N GLU B 325 -18.27 -0.08 -8.00
CA GLU B 325 -18.48 -0.83 -6.78
C GLU B 325 -17.13 -1.39 -6.32
N LYS B 326 -16.94 -1.41 -5.01
CA LYS B 326 -15.81 -2.09 -4.41
C LYS B 326 -16.24 -3.49 -4.06
N PRO B 327 -15.28 -4.43 -3.94
CA PRO B 327 -15.62 -5.81 -3.63
C PRO B 327 -16.30 -5.96 -2.28
N VAL B 328 -17.37 -6.76 -2.25
CA VAL B 328 -18.13 -6.98 -1.02
C VAL B 328 -17.27 -7.65 0.05
N GLU B 329 -16.20 -8.31 -0.37
CA GLU B 329 -15.23 -8.90 0.50
C GLU B 329 -14.66 -7.95 1.55
N ILE B 330 -14.63 -6.64 1.27
CA ILE B 330 -14.19 -5.68 2.28
C ILE B 330 -15.08 -5.75 3.54
N PHE B 331 -16.40 -5.97 3.33
CA PHE B 331 -17.31 -6.11 4.47
C PHE B 331 -17.05 -7.36 5.26
N HIS B 332 -16.71 -8.44 4.56
CA HIS B 332 -16.37 -9.69 5.21
C HIS B 332 -15.15 -9.51 6.13
N ILE B 333 -14.10 -8.89 5.61
CA ILE B 333 -12.92 -8.60 6.43
C ILE B 333 -13.27 -7.74 7.67
N ILE B 334 -14.01 -6.66 7.47
CA ILE B 334 -14.36 -5.74 8.55
C ILE B 334 -15.17 -6.46 9.64
N GLU B 335 -16.23 -7.16 9.23
CA GLU B 335 -17.12 -7.84 10.19
C GLU B 335 -16.42 -8.98 10.95
N HIS B 336 -15.49 -9.66 10.28
CA HIS B 336 -14.75 -10.74 10.93
C HIS B 336 -13.71 -10.28 11.96
N PHE B 337 -13.37 -9.00 11.99
CA PHE B 337 -12.53 -8.43 13.04
C PHE B 337 -13.26 -8.32 14.38
N CYS B 338 -14.59 -8.35 14.38
CA CYS B 338 -15.40 -8.28 15.61
C CYS B 338 -15.08 -6.99 16.40
N LEU B 339 -15.24 -5.86 15.73
CA LEU B 339 -14.82 -4.54 16.27
C LEU B 339 -15.91 -3.79 17.03
N GLY B 340 -17.14 -4.28 16.98
CA GLY B 340 -18.28 -3.53 17.51
C GLY B 340 -19.42 -3.46 16.54
N ARG B 341 -20.59 -3.09 17.04
CA ARG B 341 -21.81 -3.17 16.28
C ARG B 341 -22.27 -1.87 15.63
N ARG B 342 -21.66 -0.73 16.01
N ARG B 342 -21.69 -0.72 16.03
CA ARG B 342 -22.04 0.57 15.47
CA ARG B 342 -22.08 0.56 15.44
C ARG B 342 -21.16 0.81 14.24
C ARG B 342 -21.17 0.81 14.25
N ARG B 343 -21.69 0.49 13.06
CA ARG B 343 -20.92 0.55 11.80
C ARG B 343 -21.55 1.51 10.82
N LEU B 344 -20.75 2.48 10.37
CA LEU B 344 -21.16 3.51 9.44
C LEU B 344 -20.44 3.37 8.11
N HIS B 345 -21.20 3.41 7.02
CA HIS B 345 -20.64 3.47 5.66
C HIS B 345 -21.01 4.77 5.00
N LEU B 346 -19.99 5.63 4.87
CA LEU B 346 -20.13 6.95 4.26
C LEU B 346 -19.83 6.86 2.80
N PHE B 347 -20.73 7.44 2.00
CA PHE B 347 -20.77 7.36 0.55
C PHE B 347 -21.17 5.98 0.04
N GLY B 348 -21.90 5.22 0.85
CA GLY B 348 -22.57 4.01 0.34
C GLY B 348 -23.70 4.40 -0.60
N ARG B 349 -24.35 3.38 -1.19
CA ARG B 349 -25.34 3.53 -2.23
C ARG B 349 -26.46 2.49 -1.92
N ASP B 350 -27.58 2.53 -2.64
CA ASP B 350 -28.62 1.49 -2.44
C ASP B 350 -28.03 0.10 -2.51
N SER B 351 -27.07 -0.08 -3.43
CA SER B 351 -26.45 -1.37 -3.66
C SER B 351 -25.57 -1.87 -2.54
N THR B 352 -25.09 -1.00 -1.63
CA THR B 352 -24.22 -1.43 -0.54
C THR B 352 -24.93 -1.61 0.80
N ILE B 353 -26.22 -1.26 0.87
CA ILE B 353 -26.97 -1.37 2.12
C ILE B 353 -26.93 -2.83 2.62
N ARG B 354 -26.71 -2.97 3.92
CA ARG B 354 -26.32 -4.21 4.48
C ARG B 354 -26.79 -4.30 5.93
N PRO B 355 -27.30 -5.47 6.37
CA PRO B 355 -27.59 -5.58 7.80
C PRO B 355 -26.34 -5.34 8.63
N GLY B 356 -26.54 -4.75 9.80
CA GLY B 356 -25.43 -4.42 10.67
C GLY B 356 -24.74 -3.09 10.37
N TRP B 357 -25.19 -2.36 9.34
CA TRP B 357 -24.58 -1.11 8.89
C TRP B 357 -25.59 -0.01 8.79
N LEU B 358 -25.15 1.20 9.14
CA LEU B 358 -25.82 2.44 8.75
C LEU B 358 -25.13 2.98 7.50
N THR B 359 -25.85 3.13 6.40
CA THR B 359 -25.33 3.61 5.15
C THR B 359 -25.79 5.03 4.89
N VAL B 360 -24.86 5.94 4.62
CA VAL B 360 -25.18 7.37 4.40
C VAL B 360 -24.52 7.87 3.10
N GLY B 361 -25.31 8.43 2.22
CA GLY B 361 -24.76 8.92 0.97
C GLY B 361 -25.72 9.67 0.09
N PRO B 362 -25.20 10.43 -0.88
CA PRO B 362 -26.03 11.33 -1.69
C PRO B 362 -27.00 10.66 -2.66
N THR B 363 -26.66 9.47 -3.16
CA THR B 363 -27.44 8.82 -4.21
C THR B 363 -28.48 7.84 -3.67
N LEU B 364 -28.63 7.70 -2.37
CA LEU B 364 -29.67 6.80 -1.81
C LEU B 364 -31.03 7.32 -2.24
N THR B 365 -31.93 6.41 -2.60
CA THR B 365 -33.25 6.80 -3.06
C THR B 365 -34.21 6.94 -1.88
N ASN B 366 -33.93 6.23 -0.81
CA ASN B 366 -34.77 6.19 0.36
C ASN B 366 -33.97 6.32 1.63
N SER B 367 -34.67 6.67 2.70
CA SER B 367 -34.09 6.72 4.05
C SER B 367 -34.99 6.02 5.06
N ASN B 368 -34.37 5.46 6.10
CA ASN B 368 -35.11 4.98 7.28
C ASN B 368 -34.46 5.35 8.61
N TYR B 369 -33.45 6.23 8.58
CA TYR B 369 -32.65 6.46 9.77
C TYR B 369 -33.39 7.36 10.73
N ASN B 370 -33.42 6.94 11.98
CA ASN B 370 -33.83 7.77 13.09
C ASN B 370 -32.81 7.55 14.19
N ALA B 371 -32.21 8.65 14.66
CA ALA B 371 -31.13 8.59 15.68
C ALA B 371 -31.51 7.84 16.94
N GLU B 372 -32.75 8.08 17.40
CA GLU B 372 -33.24 7.52 18.65
C GLU B 372 -33.47 6.01 18.49
N THR B 373 -34.11 5.62 17.41
CA THR B 373 -34.26 4.18 17.09
C THR B 373 -32.92 3.46 16.92
N TYR B 374 -32.02 4.10 16.19
CA TYR B 374 -30.68 3.53 16.01
C TYR B 374 -29.97 3.32 17.33
N ALA B 375 -29.92 4.36 18.17
CA ALA B 375 -29.33 4.24 19.50
C ALA B 375 -29.93 3.11 20.33
N SER B 376 -31.23 2.86 20.17
CA SER B 376 -31.93 1.78 20.90
C SER B 376 -31.43 0.37 20.61
N TYR B 377 -30.81 0.18 19.43
CA TYR B 377 -30.14 -1.08 19.14
C TYR B 377 -28.95 -1.40 20.03
N PHE B 378 -28.35 -0.37 20.60
CA PHE B 378 -27.13 -0.53 21.39
C PHE B 378 -27.33 -0.17 22.87
N SER B 379 -28.58 0.01 23.29
CA SER B 379 -28.86 0.26 24.70
C SER B 379 -28.56 -0.99 25.52
N ALA B 380 -28.26 -0.80 26.81
CA ALA B 380 -28.00 -1.93 27.71
C ALA B 380 -29.13 -2.97 27.62
N PRO B 381 -28.81 -4.27 27.76
CA PRO B 381 -27.49 -4.79 28.09
C PRO B 381 -26.56 -5.06 26.89
N ASN B 382 -26.84 -4.47 25.73
CA ASN B 382 -26.15 -4.83 24.48
C ASN B 382 -25.10 -3.79 24.04
N SER B 383 -24.66 -2.91 24.95
CA SER B 383 -23.85 -1.75 24.59
C SER B 383 -22.45 -2.04 24.05
N TYR B 384 -21.80 -3.07 24.59
CA TYR B 384 -20.38 -3.36 24.34
C TYR B 384 -20.16 -4.65 23.54
N LEU B 385 -21.21 -5.15 22.87
CA LEU B 385 -21.09 -6.39 22.11
C LEU B 385 -20.16 -6.18 20.92
N THR B 386 -19.47 -7.24 20.56
CA THR B 386 -18.45 -7.20 19.52
C THR B 386 -19.02 -7.49 18.11
N GLY B 387 -20.23 -8.02 18.04
CA GLY B 387 -20.82 -8.42 16.76
C GLY B 387 -20.51 -9.86 16.35
N CYS B 388 -19.80 -10.61 17.20
CA CYS B 388 -19.41 -12.00 16.93
C CYS B 388 -19.75 -12.93 18.12
N THR B 389 -20.70 -12.52 18.95
CA THR B 389 -21.08 -13.29 20.14
C THR B 389 -22.60 -13.37 20.23
N GLU B 390 -23.08 -14.29 21.05
CA GLU B 390 -24.52 -14.39 21.34
C GLU B 390 -24.98 -13.12 22.05
N GLU B 391 -26.03 -12.49 21.53
CA GLU B 391 -26.65 -11.34 22.19
C GLU B 391 -27.37 -11.83 23.47
N ILE B 392 -27.49 -10.95 24.45
CA ILE B 392 -28.12 -11.30 25.74
C ILE B 392 -29.64 -11.31 25.62
N SAH C . 17.44 -6.41 -0.84
CA SAH C . 18.13 -7.54 -0.10
CB SAH C . 17.78 -7.61 1.39
CG SAH C . 18.48 -6.50 2.16
SD SAH C . 18.21 -6.75 3.88
C SAH C . 17.76 -8.85 -0.75
O SAH C . 18.25 -9.88 -0.29
OXT SAH C . 17.02 -8.91 -1.75
C5' SAH C . 19.02 -5.30 4.55
C4' SAH C . 20.53 -5.34 4.38
O4' SAH C . 21.13 -4.16 4.93
C3' SAH C . 21.23 -6.50 5.08
O3' SAH C . 22.00 -7.22 4.13
C2' SAH C . 22.17 -5.87 6.08
O2' SAH C . 23.39 -6.60 6.25
C1' SAH C . 22.44 -4.54 5.45
N9 SAH C . 22.94 -3.48 6.35
C8 SAH C . 22.54 -3.24 7.60
N7 SAH C . 23.14 -2.14 8.12
C5 SAH C . 23.94 -1.67 7.16
C6 SAH C . 24.88 -0.55 6.99
N6 SAH C . 25.04 0.29 8.03
N1 SAH C . 25.53 -0.37 5.81
C2 SAH C . 25.32 -1.22 4.78
N3 SAH C . 24.50 -2.27 4.87
C4 SAH C . 23.79 -2.54 5.99
MG MG D . 8.97 -17.45 -10.38
C1 EDO E . 3.71 12.47 -1.97
O1 EDO E . 5.04 11.92 -2.06
C2 EDO E . 3.68 13.87 -1.34
O2 EDO E . 3.79 13.88 0.11
UNK UNX F . 32.28 -3.91 4.47
UNK UNX G . 23.08 -11.65 -8.73
C1 BME H . -5.42 -4.72 12.66
C2 BME H . -4.60 -4.06 13.77
O1 BME H . -4.88 -6.02 12.38
S2 BME H . -5.28 -2.40 14.09
UNK UNX I . -16.43 11.22 -9.75
UNK UNX J . -12.05 18.47 13.79
UNK UNX K . -23.91 -6.62 0.89
UNK UNX L . -0.01 6.50 10.60
UNK UNX M . -21.34 -4.03 -1.49
UNK UNX N . -22.09 14.34 -1.16
#